data_4ALZ
#
_entry.id   4ALZ
#
_cell.length_a   37.990
_cell.length_b   51.550
_cell.length_c   50.630
_cell.angle_alpha   90.00
_cell.angle_beta   106.08
_cell.angle_gamma   90.00
#
_symmetry.space_group_name_H-M   'P 1 21 1'
#
loop_
_entity.id
_entity.type
_entity.pdbx_description
1 polymer 'YOP PROTEINS TRANSLOCATION PROTEIN D'
2 non-polymer 'PHOSPHATE ION'
3 non-polymer GLYCEROL
4 water water
#
_entity_poly.entity_id   1
_entity_poly.type   'polypeptide(L)'
_entity_poly.pdbx_seq_one_letter_code
;NQDGQLVEQEVRRLLATAAYKDVVLTSPKEGEPWLLTGYIQDNHARLSLQNFLESHGIPFRLELRSMEELRQGAEFILQR
LGYHGIEVSLAPQAGWLQLNGEVSEEIQKQKIDSLLQAEVPGLLGVENKVRIAPNQRKRLDALLEQFGLDSDFTVNVKGE
LIELRGQVNDEKLSSFNQLQQTFRQEFGNRPKLELVNV
;
_entity_poly.pdbx_strand_id   A
#
loop_
_chem_comp.id
_chem_comp.type
_chem_comp.name
_chem_comp.formula
GOL non-polymer GLYCEROL 'C3 H8 O3'
PO4 non-polymer 'PHOSPHATE ION' 'O4 P -3'
#
# COMPACT_ATOMS: atom_id res chain seq x y z
N GLN A 5 -37.48 2.55 -23.43
CA GLN A 5 -38.63 1.65 -23.38
C GLN A 5 -38.45 0.55 -22.34
N LEU A 6 -39.23 -0.53 -22.48
CA LEU A 6 -39.35 -1.55 -21.44
C LEU A 6 -38.04 -2.25 -21.07
N VAL A 7 -37.35 -2.82 -22.04
CA VAL A 7 -36.11 -3.54 -21.73
C VAL A 7 -35.08 -2.59 -21.12
N GLU A 8 -34.92 -1.38 -21.66
CA GLU A 8 -34.03 -0.40 -21.04
C GLU A 8 -34.43 -0.11 -19.60
N GLN A 9 -35.73 0.01 -19.34
CA GLN A 9 -36.22 0.23 -17.98
C GLN A 9 -35.85 -0.94 -17.04
N GLU A 10 -36.02 -2.17 -17.53
N GLU A 10 -36.00 -2.17 -17.52
CA GLU A 10 -35.67 -3.37 -16.78
CA GLU A 10 -35.65 -3.34 -16.72
C GLU A 10 -34.17 -3.39 -16.45
C GLU A 10 -34.15 -3.34 -16.41
N VAL A 11 -33.34 -3.03 -17.42
CA VAL A 11 -31.91 -2.99 -17.23
C VAL A 11 -31.53 -1.89 -16.23
N ARG A 12 -32.08 -0.71 -16.40
CA ARG A 12 -31.79 0.35 -15.46
C ARG A 12 -32.29 0.06 -14.03
N ARG A 13 -33.35 -0.73 -13.88
CA ARG A 13 -33.80 -1.13 -12.55
C ARG A 13 -32.70 -2.00 -11.87
N LEU A 14 -32.07 -2.86 -12.66
CA LEU A 14 -30.96 -3.68 -12.17
C LEU A 14 -29.79 -2.77 -11.82
N LEU A 15 -29.53 -1.79 -12.67
CA LEU A 15 -28.43 -0.86 -12.40
C LEU A 15 -28.66 0.06 -11.19
N ALA A 16 -29.90 0.15 -10.71
CA ALA A 16 -30.20 0.91 -9.50
C ALA A 16 -29.95 0.10 -8.22
N THR A 17 -29.60 -1.18 -8.36
CA THR A 17 -29.24 -1.97 -7.18
C THR A 17 -27.81 -1.70 -6.77
N ALA A 18 -27.47 -2.06 -5.53
CA ALA A 18 -26.18 -1.70 -4.98
C ALA A 18 -25.01 -2.39 -5.69
N ALA A 19 -25.20 -3.63 -6.16
CA ALA A 19 -24.12 -4.33 -6.86
C ALA A 19 -23.69 -3.60 -8.13
N TYR A 20 -24.58 -2.80 -8.71
CA TYR A 20 -24.29 -2.15 -9.98
C TYR A 20 -24.22 -0.64 -9.87
N LYS A 21 -24.06 -0.16 -8.65
N LYS A 21 -24.06 -0.16 -8.65
CA LYS A 21 -24.04 1.28 -8.36
CA LYS A 21 -24.05 1.28 -8.38
C LYS A 21 -22.92 2.05 -9.06
C LYS A 21 -22.92 2.05 -9.06
N ASP A 22 -21.88 1.37 -9.53
CA ASP A 22 -20.79 2.02 -10.27
C ASP A 22 -20.73 1.67 -11.75
N VAL A 23 -21.82 1.14 -12.26
CA VAL A 23 -21.95 0.79 -13.67
C VAL A 23 -22.83 1.81 -14.36
N VAL A 24 -22.36 2.24 -15.53
CA VAL A 24 -23.08 3.19 -16.37
C VAL A 24 -23.52 2.50 -17.66
N LEU A 25 -24.74 2.79 -18.06
CA LEU A 25 -25.27 2.33 -19.34
C LEU A 25 -25.43 3.53 -20.25
N THR A 26 -24.79 3.45 -21.40
CA THR A 26 -25.01 4.45 -22.41
C THR A 26 -25.88 3.78 -23.49
N SER A 27 -27.09 4.31 -23.63
CA SER A 27 -28.08 3.73 -24.54
C SER A 27 -27.54 3.74 -25.95
N PRO A 28 -27.78 2.67 -26.71
CA PRO A 28 -27.22 2.71 -28.05
C PRO A 28 -28.22 3.42 -28.93
N LYS A 29 -27.83 3.71 -30.16
CA LYS A 29 -28.83 4.03 -31.15
C LYS A 29 -29.18 2.72 -31.81
N GLU A 30 -30.06 2.79 -32.81
CA GLU A 30 -30.42 1.64 -33.62
C GLU A 30 -29.19 0.82 -34.02
N GLY A 31 -29.23 -0.48 -33.75
CA GLY A 31 -28.24 -1.40 -34.29
C GLY A 31 -26.84 -1.43 -33.71
N GLU A 32 -26.55 -0.60 -32.70
CA GLU A 32 -25.25 -0.73 -32.02
C GLU A 32 -25.42 -1.47 -30.70
N PRO A 33 -24.35 -2.12 -30.21
CA PRO A 33 -24.48 -2.79 -28.91
C PRO A 33 -24.64 -1.77 -27.78
N TRP A 34 -25.37 -2.14 -26.75
CA TRP A 34 -25.47 -1.34 -25.54
C TRP A 34 -24.11 -1.33 -24.84
N LEU A 35 -23.64 -0.16 -24.42
CA LEU A 35 -22.31 -0.06 -23.82
C LEU A 35 -22.41 0.13 -22.31
N LEU A 36 -21.78 -0.76 -21.56
CA LEU A 36 -21.77 -0.64 -20.10
C LEU A 36 -20.35 -0.50 -19.60
N THR A 37 -20.12 0.55 -18.82
CA THR A 37 -18.77 0.87 -18.37
C THR A 37 -18.78 1.13 -16.87
N GLY A 38 -17.59 1.15 -16.29
CA GLY A 38 -17.44 1.46 -14.88
C GLY A 38 -16.83 0.32 -14.08
N TYR A 39 -17.36 0.13 -12.86
CA TYR A 39 -16.76 -0.79 -11.88
C TYR A 39 -17.81 -1.66 -11.25
N ILE A 40 -17.39 -2.87 -10.91
CA ILE A 40 -18.18 -3.80 -10.11
C ILE A 40 -17.29 -4.30 -8.98
N GLN A 41 -17.87 -4.91 -7.96
CA GLN A 41 -17.08 -5.31 -6.80
C GLN A 41 -16.23 -6.51 -7.11
N ASP A 42 -16.74 -7.43 -7.93
CA ASP A 42 -15.95 -8.59 -8.32
C ASP A 42 -16.44 -9.17 -9.64
N ASN A 43 -15.65 -10.08 -10.19
CA ASN A 43 -15.99 -10.65 -11.50
C ASN A 43 -17.32 -11.38 -11.50
N HIS A 44 -17.66 -11.98 -10.37
CA HIS A 44 -18.93 -12.69 -10.27
C HIS A 44 -20.08 -11.76 -10.63
N ALA A 45 -20.04 -10.51 -10.15
CA ALA A 45 -21.12 -9.56 -10.47
C ALA A 45 -21.22 -9.24 -11.98
N ARG A 46 -20.06 -9.22 -12.62
N ARG A 46 -20.06 -9.22 -12.65
CA ARG A 46 -20.02 -9.01 -14.06
CA ARG A 46 -20.08 -9.00 -14.10
C ARG A 46 -20.75 -10.14 -14.77
C ARG A 46 -20.78 -10.15 -14.80
N LEU A 47 -20.50 -11.37 -14.35
CA LEU A 47 -21.07 -12.52 -15.01
C LEU A 47 -22.59 -12.52 -14.85
N SER A 48 -23.07 -12.05 -13.70
N SER A 48 -23.07 -12.09 -13.69
CA SER A 48 -24.50 -11.99 -13.49
CA SER A 48 -24.50 -12.00 -13.49
C SER A 48 -25.18 -10.91 -14.37
C SER A 48 -25.17 -10.93 -14.36
N LEU A 49 -24.48 -9.81 -14.57
CA LEU A 49 -24.99 -8.78 -15.46
C LEU A 49 -25.02 -9.26 -16.90
N GLN A 50 -23.99 -9.97 -17.31
CA GLN A 50 -23.94 -10.57 -18.65
C GLN A 50 -25.12 -11.48 -18.85
N ASN A 51 -25.39 -12.34 -17.86
N ASN A 51 -25.40 -12.30 -17.86
CA ASN A 51 -26.53 -13.25 -17.90
CA ASN A 51 -26.49 -13.22 -17.97
C ASN A 51 -27.83 -12.50 -18.11
C ASN A 51 -27.84 -12.51 -18.09
N PHE A 52 -28.03 -11.43 -17.34
CA PHE A 52 -29.25 -10.63 -17.42
C PHE A 52 -29.41 -10.01 -18.80
N LEU A 53 -28.34 -9.42 -19.31
CA LEU A 53 -28.40 -8.81 -20.64
C LEU A 53 -28.73 -9.85 -21.72
N GLU A 54 -28.04 -10.98 -21.69
CA GLU A 54 -28.30 -12.05 -22.67
C GLU A 54 -29.74 -12.57 -22.60
N SER A 55 -30.30 -12.60 -21.40
N SER A 55 -30.32 -12.62 -21.41
CA SER A 55 -31.68 -13.04 -21.21
CA SER A 55 -31.70 -13.11 -21.30
C SER A 55 -32.66 -12.15 -21.96
C SER A 55 -32.71 -12.13 -21.89
N HIS A 56 -32.29 -10.89 -22.13
CA HIS A 56 -33.18 -9.92 -22.75
C HIS A 56 -32.89 -9.74 -24.25
N GLY A 57 -32.07 -10.61 -24.81
CA GLY A 57 -31.73 -10.52 -26.22
C GLY A 57 -31.03 -9.23 -26.62
N ILE A 58 -30.31 -8.64 -25.66
CA ILE A 58 -29.61 -7.37 -25.86
C ILE A 58 -28.22 -7.59 -26.41
N PRO A 59 -27.84 -6.85 -27.48
CA PRO A 59 -26.44 -6.91 -27.89
C PRO A 59 -25.67 -5.91 -27.03
N PHE A 60 -24.47 -6.26 -26.57
CA PHE A 60 -23.80 -5.40 -25.61
C PHE A 60 -22.30 -5.57 -25.65
N ARG A 61 -21.62 -4.56 -25.10
CA ARG A 61 -20.19 -4.63 -24.84
C ARG A 61 -20.02 -4.19 -23.40
N LEU A 62 -19.30 -5.01 -22.62
CA LEU A 62 -18.92 -4.63 -21.27
C LEU A 62 -17.50 -4.11 -21.24
N GLU A 63 -17.33 -2.93 -20.66
CA GLU A 63 -16.01 -2.41 -20.31
C GLU A 63 -16.01 -2.12 -18.81
N LEU A 64 -15.85 -3.20 -18.04
CA LEU A 64 -15.97 -3.11 -16.59
C LEU A 64 -14.71 -3.61 -15.92
N ARG A 65 -14.38 -2.99 -14.80
CA ARG A 65 -13.30 -3.52 -13.97
C ARG A 65 -13.77 -3.96 -12.61
N SER A 66 -13.17 -5.03 -12.10
CA SER A 66 -13.45 -5.55 -10.77
C SER A 66 -12.59 -4.88 -9.72
N MET A 67 -13.22 -4.34 -8.68
CA MET A 67 -12.45 -3.71 -7.61
C MET A 67 -11.57 -4.71 -6.90
N GLU A 68 -12.00 -5.96 -6.80
CA GLU A 68 -11.15 -6.96 -6.17
C GLU A 68 -9.93 -7.21 -7.04
N GLU A 69 -10.09 -7.18 -8.36
CA GLU A 69 -8.93 -7.33 -9.24
C GLU A 69 -7.99 -6.14 -9.17
N LEU A 70 -8.49 -4.92 -9.07
CA LEU A 70 -7.64 -3.75 -8.83
C LEU A 70 -6.87 -3.93 -7.52
N ARG A 71 -7.57 -4.33 -6.46
CA ARG A 71 -6.96 -4.54 -5.15
C ARG A 71 -5.85 -5.61 -5.21
N GLN A 72 -6.13 -6.75 -5.86
CA GLN A 72 -5.15 -7.80 -5.97
CA GLN A 72 -5.15 -7.81 -5.99
C GLN A 72 -3.97 -7.34 -6.82
N GLY A 73 -4.23 -6.61 -7.90
CA GLY A 73 -3.18 -6.04 -8.72
C GLY A 73 -2.25 -5.16 -7.92
N ALA A 74 -2.82 -4.24 -7.16
CA ALA A 74 -2.02 -3.38 -6.32
C ALA A 74 -1.16 -4.19 -5.32
N GLU A 75 -1.72 -5.23 -4.73
CA GLU A 75 -0.96 -6.09 -3.81
C GLU A 75 0.23 -6.68 -4.54
N PHE A 76 0.01 -7.20 -5.73
CA PHE A 76 1.12 -7.79 -6.54
C PHE A 76 2.20 -6.75 -6.86
N ILE A 77 1.82 -5.53 -7.18
CA ILE A 77 2.80 -4.51 -7.51
C ILE A 77 3.60 -4.17 -6.28
N LEU A 78 2.95 -3.97 -5.15
CA LEU A 78 3.69 -3.66 -3.94
C LEU A 78 4.68 -4.76 -3.59
N GLN A 79 4.26 -6.01 -3.71
CA GLN A 79 5.14 -7.15 -3.43
C GLN A 79 6.34 -7.15 -4.34
N ARG A 80 6.13 -6.96 -5.63
CA ARG A 80 7.27 -7.09 -6.54
C ARG A 80 8.25 -5.90 -6.40
N LEU A 81 7.77 -4.79 -5.86
CA LEU A 81 8.61 -3.60 -5.66
C LEU A 81 9.22 -3.55 -4.26
N GLY A 82 9.02 -4.62 -3.48
CA GLY A 82 9.74 -4.77 -2.20
C GLY A 82 9.08 -4.14 -1.00
N TYR A 83 7.83 -3.72 -1.14
CA TYR A 83 7.06 -3.17 -0.04
C TYR A 83 6.41 -4.33 0.69
N HIS A 84 6.77 -4.47 1.96
N HIS A 84 6.65 -4.44 2.00
CA HIS A 84 6.05 -5.35 2.85
CA HIS A 84 6.06 -5.56 2.75
C HIS A 84 5.41 -4.52 3.96
C HIS A 84 5.07 -5.18 3.87
N GLY A 85 4.40 -5.09 4.60
N GLY A 85 5.15 -3.94 4.34
CA GLY A 85 3.70 -4.37 5.66
CA GLY A 85 4.31 -3.54 5.46
C GLY A 85 2.78 -3.25 5.22
C GLY A 85 3.08 -2.77 5.04
N ILE A 86 2.45 -3.19 3.93
CA ILE A 86 1.33 -2.37 3.43
C ILE A 86 0.15 -3.23 3.06
N GLU A 87 -1.01 -2.88 3.61
CA GLU A 87 -2.23 -3.59 3.30
CA GLU A 87 -2.27 -3.57 3.37
C GLU A 87 -3.14 -2.74 2.41
N VAL A 88 -3.69 -3.41 1.39
CA VAL A 88 -4.52 -2.76 0.39
C VAL A 88 -5.98 -3.12 0.61
N SER A 89 -6.81 -2.09 0.69
CA SER A 89 -8.24 -2.29 0.81
C SER A 89 -8.96 -1.32 -0.12
N LEU A 90 -10.26 -1.43 -0.17
CA LEU A 90 -11.07 -0.51 -0.98
C LEU A 90 -11.29 0.83 -0.28
N ALA A 91 -11.25 1.91 -1.06
CA ALA A 91 -11.59 3.26 -0.58
C ALA A 91 -13.07 3.55 -0.88
N PRO A 92 -13.62 4.67 -0.36
CA PRO A 92 -15.04 4.93 -0.60
C PRO A 92 -15.39 5.22 -2.07
N GLN A 93 -14.50 5.80 -2.85
CA GLN A 93 -14.82 6.16 -4.24
C GLN A 93 -14.60 5.02 -5.21
N ALA A 94 -15.46 4.93 -6.21
CA ALA A 94 -15.30 3.94 -7.26
C ALA A 94 -13.92 4.06 -7.91
N GLY A 95 -13.23 2.93 -8.08
CA GLY A 95 -11.92 2.94 -8.70
C GLY A 95 -10.75 3.35 -7.80
N TRP A 96 -11.02 3.58 -6.52
CA TRP A 96 -10.01 4.02 -5.57
C TRP A 96 -9.67 2.91 -4.59
N LEU A 97 -8.39 2.84 -4.24
CA LEU A 97 -7.91 1.94 -3.19
C LEU A 97 -7.40 2.73 -2.01
N GLN A 98 -7.21 2.03 -0.88
CA GLN A 98 -6.63 2.62 0.32
C GLN A 98 -5.45 1.76 0.79
N LEU A 99 -4.40 2.45 1.22
CA LEU A 99 -3.21 1.81 1.81
C LEU A 99 -3.11 2.08 3.30
N ASN A 100 -2.80 1.03 4.05
CA ASN A 100 -2.49 1.18 5.47
C ASN A 100 -1.22 0.44 5.78
N GLY A 101 -0.59 0.79 6.90
CA GLY A 101 0.62 0.13 7.38
C GLY A 101 1.73 1.17 7.55
N GLU A 102 2.97 0.79 7.24
CA GLU A 102 4.09 1.70 7.44
C GLU A 102 5.22 1.54 6.41
N VAL A 103 5.90 2.65 6.12
CA VAL A 103 7.08 2.65 5.26
C VAL A 103 8.11 3.64 5.80
N SER A 104 9.35 3.53 5.34
CA SER A 104 10.40 4.44 5.78
C SER A 104 10.21 5.81 5.13
N GLU A 105 10.86 6.83 5.70
CA GLU A 105 10.78 8.19 5.21
C GLU A 105 11.26 8.27 3.76
N GLU A 106 12.44 7.69 3.51
CA GLU A 106 13.02 7.64 2.17
C GLU A 106 12.07 7.05 1.14
N ILE A 107 11.44 5.93 1.50
CA ILE A 107 10.55 5.21 0.60
C ILE A 107 9.23 5.96 0.34
N GLN A 108 8.69 6.62 1.37
CA GLN A 108 7.56 7.53 1.20
C GLN A 108 7.81 8.53 0.07
N LYS A 109 9.05 8.96 -0.11
CA LYS A 109 9.36 9.94 -1.14
C LYS A 109 9.13 9.41 -2.57
N GLN A 110 8.95 8.09 -2.69
CA GLN A 110 8.71 7.48 -4.01
C GLN A 110 7.31 7.71 -4.56
N LYS A 111 6.45 8.36 -3.76
CA LYS A 111 5.08 8.71 -4.14
C LYS A 111 4.32 7.47 -4.64
N ILE A 112 4.15 6.51 -3.76
CA ILE A 112 3.62 5.21 -4.14
C ILE A 112 2.18 5.26 -4.66
N ASP A 113 1.39 6.25 -4.25
CA ASP A 113 0.04 6.39 -4.79
C ASP A 113 0.03 6.56 -6.31
N SER A 114 0.82 7.50 -6.81
CA SER A 114 0.88 7.72 -8.25
CA SER A 114 0.95 7.75 -8.24
C SER A 114 1.59 6.56 -8.94
N LEU A 115 2.55 5.93 -8.28
CA LEU A 115 3.23 4.78 -8.85
C LEU A 115 2.26 3.59 -9.06
N LEU A 116 1.43 3.33 -8.05
CA LEU A 116 0.38 2.32 -8.18
C LEU A 116 -0.56 2.66 -9.32
N GLN A 117 -0.95 3.92 -9.47
CA GLN A 117 -1.73 4.29 -10.64
C GLN A 117 -1.08 3.99 -11.98
N ALA A 118 0.24 4.13 -12.06
CA ALA A 118 0.96 3.81 -13.29
C ALA A 118 0.98 2.30 -13.54
N GLU A 119 0.86 1.52 -12.48
CA GLU A 119 1.06 0.07 -12.56
C GLU A 119 -0.21 -0.78 -12.56
N VAL A 120 -1.33 -0.16 -12.20
CA VAL A 120 -2.57 -0.90 -12.05
C VAL A 120 -3.64 -0.26 -12.93
N PRO A 121 -3.97 -0.92 -14.05
CA PRO A 121 -4.94 -0.33 -14.96
C PRO A 121 -6.30 -0.05 -14.32
N GLY A 122 -6.81 1.15 -14.60
CA GLY A 122 -8.09 1.60 -14.09
C GLY A 122 -8.10 2.09 -12.66
N LEU A 123 -6.92 2.22 -12.03
CA LEU A 123 -6.86 2.76 -10.69
C LEU A 123 -6.95 4.28 -10.72
N LEU A 124 -8.06 4.79 -10.22
CA LEU A 124 -8.36 6.22 -10.33
C LEU A 124 -7.70 7.06 -9.23
N GLY A 125 -7.27 6.42 -8.15
CA GLY A 125 -6.63 7.14 -7.06
C GLY A 125 -6.38 6.21 -5.90
N VAL A 126 -5.50 6.66 -5.00
CA VAL A 126 -5.18 5.91 -3.80
C VAL A 126 -5.20 6.84 -2.62
N GLU A 127 -5.97 6.45 -1.61
CA GLU A 127 -5.89 7.15 -0.33
C GLU A 127 -4.82 6.48 0.53
N ASN A 128 -3.73 7.20 0.73
CA ASN A 128 -2.55 6.63 1.37
C ASN A 128 -2.49 7.02 2.83
N LYS A 129 -2.84 6.05 3.68
CA LYS A 129 -2.89 6.26 5.13
C LYS A 129 -1.71 5.61 5.86
N VAL A 130 -0.68 5.23 5.12
N VAL A 130 -0.68 5.27 5.10
CA VAL A 130 0.45 4.60 5.79
CA VAL A 130 0.52 4.64 5.65
C VAL A 130 1.16 5.61 6.67
C VAL A 130 1.26 5.60 6.59
N ARG A 131 1.72 5.10 7.75
CA ARG A 131 2.51 5.94 8.64
C ARG A 131 4.01 5.78 8.34
N ILE A 132 4.80 6.71 8.86
CA ILE A 132 6.24 6.64 8.69
C ILE A 132 6.82 5.69 9.74
N ALA A 133 7.59 4.71 9.29
CA ALA A 133 8.17 3.68 10.15
C ALA A 133 9.25 4.29 11.05
N PRO A 134 9.59 3.58 12.15
CA PRO A 134 10.72 3.97 13.02
C PRO A 134 11.99 4.19 12.20
N ASN A 135 12.70 5.29 12.43
CA ASN A 135 13.99 5.47 11.76
C ASN A 135 15.08 5.27 12.80
N GLN A 136 15.54 4.03 12.89
CA GLN A 136 16.47 3.67 13.95
C GLN A 136 17.83 4.35 13.81
N ARG A 137 18.32 4.51 12.58
CA ARG A 137 19.60 5.17 12.34
C ARG A 137 19.57 6.60 12.81
N LYS A 138 18.50 7.31 12.45
CA LYS A 138 18.36 8.71 12.82
C LYS A 138 18.33 8.89 14.33
N ARG A 139 17.59 8.02 15.01
CA ARG A 139 17.49 8.09 16.46
C ARG A 139 18.83 7.73 17.12
N LEU A 140 19.54 6.75 16.59
CA LEU A 140 20.86 6.38 17.10
C LEU A 140 21.80 7.58 17.03
N ASP A 141 21.87 8.23 15.88
CA ASP A 141 22.73 9.38 15.72
C ASP A 141 22.31 10.52 16.66
N ALA A 142 21.00 10.72 16.81
CA ALA A 142 20.51 11.71 17.78
C ALA A 142 20.98 11.42 19.19
N LEU A 143 20.92 10.17 19.61
CA LEU A 143 21.39 9.76 20.93
C LEU A 143 22.91 9.92 21.09
N LEU A 144 23.65 9.49 20.08
CA LEU A 144 25.11 9.68 20.14
C LEU A 144 25.46 11.15 20.31
N GLU A 145 24.79 12.00 19.52
CA GLU A 145 25.05 13.43 19.61
C GLU A 145 24.60 13.99 20.95
N GLN A 146 23.43 13.57 21.42
CA GLN A 146 22.90 14.08 22.67
C GLN A 146 23.82 13.80 23.87
N PHE A 147 24.50 12.66 23.81
CA PHE A 147 25.37 12.20 24.89
C PHE A 147 26.84 12.59 24.71
N GLY A 148 27.15 13.28 23.62
CA GLY A 148 28.50 13.70 23.33
C GLY A 148 29.40 12.56 22.93
N LEU A 149 28.83 11.55 22.26
CA LEU A 149 29.55 10.32 21.91
C LEU A 149 29.84 10.18 20.41
N ASP A 150 29.43 11.16 19.61
CA ASP A 150 29.49 11.05 18.17
C ASP A 150 30.90 11.08 17.58
N SER A 151 31.85 11.59 18.35
N SER A 151 31.87 11.54 18.36
CA SER A 151 33.27 11.51 17.98
CA SER A 151 33.28 11.46 17.94
C SER A 151 34.01 10.29 18.56
C SER A 151 34.01 10.27 18.55
N ASP A 152 33.38 9.62 19.54
CA ASP A 152 33.95 8.44 20.21
C ASP A 152 33.67 7.18 19.41
N PHE A 153 32.50 7.13 18.79
CA PHE A 153 32.05 5.94 18.09
C PHE A 153 31.73 6.26 16.67
N THR A 154 32.08 5.33 15.79
N THR A 154 32.12 5.37 15.78
CA THR A 154 31.73 5.39 14.38
CA THR A 154 31.66 5.45 14.41
C THR A 154 30.70 4.30 14.06
C THR A 154 30.60 4.37 14.22
N VAL A 155 29.63 4.68 13.37
CA VAL A 155 28.51 3.78 13.10
C VAL A 155 28.71 3.00 11.82
N ASN A 156 28.59 1.68 11.90
CA ASN A 156 28.71 0.82 10.72
C ASN A 156 27.50 -0.08 10.65
N VAL A 157 26.73 0.07 9.59
CA VAL A 157 25.48 -0.66 9.46
C VAL A 157 25.65 -1.79 8.45
N LYS A 158 25.28 -3.00 8.85
CA LYS A 158 25.16 -4.12 7.92
C LYS A 158 23.85 -4.84 8.22
N GLY A 159 22.86 -4.64 7.35
CA GLY A 159 21.53 -5.17 7.58
C GLY A 159 20.93 -4.59 8.84
N GLU A 160 20.47 -5.47 9.72
CA GLU A 160 19.92 -5.02 11.00
C GLU A 160 20.96 -5.08 12.13
N LEU A 161 22.24 -5.22 11.76
CA LEU A 161 23.32 -5.23 12.72
C LEU A 161 24.07 -3.90 12.62
N ILE A 162 24.07 -3.15 13.71
CA ILE A 162 24.81 -1.88 13.76
C ILE A 162 25.98 -1.95 14.75
N GLU A 163 27.18 -1.81 14.21
CA GLU A 163 28.39 -1.79 15.01
C GLU A 163 28.73 -0.35 15.38
N LEU A 164 29.03 -0.14 16.65
CA LEU A 164 29.57 1.13 17.15
CA LEU A 164 29.57 1.12 17.14
C LEU A 164 31.03 0.90 17.43
N ARG A 165 31.89 1.43 16.57
N ARG A 165 31.88 1.53 16.64
CA ARG A 165 33.34 1.17 16.67
CA ARG A 165 33.31 1.29 16.73
C ARG A 165 34.09 2.32 17.32
C ARG A 165 34.06 2.40 17.40
N GLY A 166 35.01 2.02 18.23
CA GLY A 166 35.78 3.03 18.93
C GLY A 166 36.89 2.42 19.74
N GLN A 167 37.71 3.27 20.32
CA GLN A 167 38.78 2.84 21.19
C GLN A 167 38.15 2.78 22.57
N VAL A 168 37.69 1.60 22.98
CA VAL A 168 36.85 1.49 24.16
C VAL A 168 37.67 1.62 25.46
N ASN A 169 37.30 2.62 26.27
CA ASN A 169 37.81 2.76 27.65
C ASN A 169 36.60 2.58 28.60
N ASP A 170 36.83 2.74 29.90
CA ASP A 170 35.76 2.54 30.88
C ASP A 170 34.59 3.50 30.68
N GLU A 171 34.91 4.79 30.44
CA GLU A 171 33.91 5.81 30.17
C GLU A 171 33.05 5.44 28.97
N LYS A 172 33.71 5.06 27.88
CA LYS A 172 33.00 4.73 26.63
C LYS A 172 32.14 3.48 26.81
N LEU A 173 32.63 2.50 27.54
CA LEU A 173 31.85 1.30 27.81
C LEU A 173 30.58 1.61 28.60
N SER A 174 30.71 2.40 29.68
CA SER A 174 29.54 2.73 30.47
C SER A 174 28.56 3.60 29.69
N SER A 175 29.08 4.50 28.85
CA SER A 175 28.22 5.35 28.02
C SER A 175 27.50 4.50 26.99
N PHE A 176 28.21 3.56 26.38
CA PHE A 176 27.55 2.61 25.47
C PHE A 176 26.42 1.85 26.16
N ASN A 177 26.68 1.36 27.35
CA ASN A 177 25.67 0.59 28.07
C ASN A 177 24.40 1.43 28.29
N GLN A 178 24.56 2.70 28.64
CA GLN A 178 23.39 3.57 28.76
C GLN A 178 22.66 3.78 27.43
N LEU A 179 23.43 4.05 26.38
CA LEU A 179 22.85 4.24 25.05
C LEU A 179 22.06 3.00 24.64
N GLN A 180 22.64 1.83 24.86
CA GLN A 180 22.01 0.59 24.44
CA GLN A 180 22.03 0.54 24.49
C GLN A 180 20.70 0.35 25.21
N GLN A 181 20.71 0.63 26.51
CA GLN A 181 19.48 0.49 27.32
C GLN A 181 18.38 1.40 26.80
N THR A 182 18.73 2.66 26.54
CA THR A 182 17.76 3.63 26.02
C THR A 182 17.23 3.25 24.63
N PHE A 183 18.12 2.84 23.73
CA PHE A 183 17.75 2.40 22.39
C PHE A 183 16.79 1.22 22.44
N ARG A 184 17.10 0.24 23.30
N ARG A 184 17.10 0.23 23.28
CA ARG A 184 16.28 -0.96 23.40
CA ARG A 184 16.26 -0.96 23.38
C ARG A 184 14.89 -0.67 23.95
C ARG A 184 14.88 -0.67 23.94
N GLN A 185 14.80 0.27 24.88
CA GLN A 185 13.49 0.62 25.45
C GLN A 185 12.54 1.12 24.36
N GLU A 186 13.10 1.75 23.33
CA GLU A 186 12.29 2.27 22.24
C GLU A 186 12.06 1.29 21.11
N PHE A 187 13.12 0.62 20.69
CA PHE A 187 13.04 -0.22 19.50
C PHE A 187 12.93 -1.72 19.75
N GLY A 188 12.98 -2.14 21.01
CA GLY A 188 13.05 -3.56 21.31
C GLY A 188 14.32 -4.18 20.75
N ASN A 189 14.19 -5.32 20.05
CA ASN A 189 15.35 -6.11 19.60
C ASN A 189 15.73 -5.95 18.11
N ARG A 190 15.35 -4.82 17.51
CA ARG A 190 15.66 -4.59 16.10
C ARG A 190 15.85 -3.09 15.83
N PRO A 191 16.99 -2.71 15.24
CA PRO A 191 18.19 -3.52 14.95
C PRO A 191 18.99 -3.69 16.23
N LYS A 192 20.05 -4.48 16.20
CA LYS A 192 20.88 -4.69 17.39
C LYS A 192 22.12 -3.81 17.34
N LEU A 193 22.51 -3.29 18.50
CA LEU A 193 23.74 -2.50 18.62
C LEU A 193 24.84 -3.35 19.21
N GLU A 194 25.97 -3.42 18.50
CA GLU A 194 27.15 -4.13 18.98
C GLU A 194 28.26 -3.12 19.23
N LEU A 195 28.90 -3.21 20.38
CA LEU A 195 30.10 -2.42 20.67
C LEU A 195 31.34 -3.12 20.14
N VAL A 196 32.21 -2.40 19.44
CA VAL A 196 33.38 -3.00 18.82
C VAL A 196 34.60 -2.17 19.17
N ASN A 197 35.55 -2.77 19.88
CA ASN A 197 36.81 -2.11 20.15
C ASN A 197 37.72 -2.27 18.96
N VAL A 198 38.21 -1.12 18.49
CA VAL A 198 39.17 -1.04 17.41
C VAL A 198 40.39 -0.24 17.87
P PO4 B . -12.31 -11.32 -8.83
O1 PO4 B . -11.85 -11.86 -10.15
O2 PO4 B . -13.14 -10.07 -9.05
O3 PO4 B . -13.07 -12.39 -8.09
O4 PO4 B . -11.11 -10.91 -7.98
C1 GOL C . 43.48 0.99 22.63
O1 GOL C . 43.61 0.89 24.03
C2 GOL C . 42.19 0.29 22.20
O2 GOL C . 41.89 0.57 20.84
C3 GOL C . 41.04 0.79 23.06
O3 GOL C . 40.70 -0.22 23.97
#